data_8T0T
#
_entry.id   8T0T
#
_cell.length_a   109.236
_cell.length_b   109.236
_cell.length_c   83.245
_cell.angle_alpha   90.00
_cell.angle_beta   90.00
_cell.angle_gamma   90.00
#
_symmetry.space_group_name_H-M   'P 4 2 2'
#
loop_
_entity.id
_entity.type
_entity.pdbx_description
1 polymer 'Aldehyde dehydrogenase 1A1'
2 non-polymer 'YTTERBIUM (III) ION'
3 non-polymer 1-(4-{6-fluoro-3-[4-(methanesulfonyl)piperazine-1-carbonyl]quinolin-4-yl}phenyl)cyclopropane-1-carbonitrile
4 non-polymer 'CHLORIDE ION'
5 water water
#
_entity_poly.entity_id   1
_entity_poly.type   'polypeptide(L)'
_entity_poly.pdbx_seq_one_letter_code
;MSSSGTPDLPVLLTDLKIQYTKIFINNEWHDSVSGKKFPVFNPATEEELCQVEEGDKEDVDKAVKAARQAFQIGSPWRTM
DASERGRLLYKLADLIERDRLLLATMESMNGGKLYSNAYLNDLAGCIKTLRYCAGWADKIQGRTIPIDGNFFTYTRHEPI
GVCGQIIPWNFPLVMLIWKIGPALSCGNTVVVKPAEQTPLTALHVASLIKEAGFPPGVVNIVPGYGPTAGAAISSHMDID
KVAFTGSTEVGKLIKEAAGKSNLKRVTLELGGKSPCIVLADADLDNAVEFAHHGVFYHQGQCCIAASRIFVEESIYDEFV
RRSVERAKKYILGNPLTPGVTQGPQIDKEQYDKILDLIESGKKEGAKLECGGGPWGNKGYFVQPTVFSNVTDEMRIAKEE
IFGPVQQIMKFKSLDDVIKRANNTFYGLSAGVFTKDIDKAITISSALQAGTVWVNCYGVVSAQCPFGGFKMSGNGRELGE
YGFHEYTEVKTVTVKISQKNS
;
_entity_poly.pdbx_strand_id   A
#
# COMPACT_ATOMS: atom_id res chain seq x y z
N ASP A 8 -7.41 -14.01 20.58
CA ASP A 8 -8.52 -14.83 20.10
C ASP A 8 -8.55 -14.83 18.57
N LEU A 9 -8.59 -16.03 17.98
CA LEU A 9 -8.59 -16.17 16.52
C LEU A 9 -9.81 -16.97 16.09
N PRO A 10 -10.95 -16.31 15.90
CA PRO A 10 -12.13 -16.99 15.35
C PRO A 10 -11.94 -17.28 13.87
N VAL A 11 -12.73 -18.22 13.36
CA VAL A 11 -12.63 -18.61 11.97
C VAL A 11 -14.02 -18.76 11.36
N LEU A 12 -14.05 -18.75 10.04
CA LEU A 12 -15.26 -19.05 9.30
C LEU A 12 -15.64 -20.51 9.51
N LEU A 13 -16.90 -20.74 9.90
CA LEU A 13 -17.34 -22.11 10.17
CA LEU A 13 -17.36 -22.10 10.17
C LEU A 13 -17.79 -22.84 8.91
N THR A 14 -18.17 -22.11 7.86
CA THR A 14 -18.57 -22.72 6.59
C THR A 14 -17.52 -22.47 5.53
N ASP A 15 -17.48 -23.36 4.54
CA ASP A 15 -16.66 -23.16 3.35
C ASP A 15 -16.90 -21.78 2.75
N LEU A 16 -15.82 -21.12 2.34
CA LEU A 16 -15.98 -19.83 1.68
C LEU A 16 -16.58 -20.03 0.28
N LYS A 17 -17.60 -19.25 -0.02
CA LYS A 17 -18.25 -19.22 -1.33
C LYS A 17 -17.88 -17.94 -2.04
N ILE A 18 -17.43 -18.05 -3.29
CA ILE A 18 -17.11 -16.86 -4.08
C ILE A 18 -18.35 -16.47 -4.88
N GLN A 19 -18.76 -15.22 -4.74
CA GLN A 19 -19.98 -14.72 -5.38
CA GLN A 19 -19.97 -14.74 -5.42
C GLN A 19 -19.71 -13.56 -6.34
N TYR A 20 -18.90 -12.60 -5.96
CA TYR A 20 -18.74 -11.37 -6.72
C TYR A 20 -17.53 -11.52 -7.63
N THR A 21 -17.79 -11.61 -8.94
CA THR A 21 -16.75 -11.85 -9.93
C THR A 21 -16.85 -10.91 -11.11
N LYS A 22 -17.73 -9.91 -11.06
CA LYS A 22 -17.95 -9.07 -12.22
C LYS A 22 -17.46 -7.64 -11.98
N ILE A 23 -17.47 -6.88 -13.07
CA ILE A 23 -17.13 -5.46 -13.01
C ILE A 23 -18.24 -4.69 -12.31
N PHE A 24 -17.88 -3.70 -11.50
CA PHE A 24 -18.82 -2.95 -10.67
C PHE A 24 -18.86 -1.50 -11.17
N ILE A 25 -19.96 -1.11 -11.83
CA ILE A 25 -20.13 0.23 -12.36
C ILE A 25 -21.55 0.69 -12.07
N ASN A 26 -21.70 1.90 -11.52
CA ASN A 26 -23.01 2.46 -11.18
C ASN A 26 -23.80 1.54 -10.26
N ASN A 27 -23.10 0.85 -9.34
CA ASN A 27 -23.71 -0.04 -8.35
C ASN A 27 -24.41 -1.24 -9.00
N GLU A 28 -23.97 -1.64 -10.17
CA GLU A 28 -24.48 -2.86 -10.78
C GLU A 28 -23.32 -3.67 -11.34
N TRP A 29 -23.59 -4.94 -11.60
CA TRP A 29 -22.57 -5.90 -12.00
C TRP A 29 -22.60 -6.05 -13.52
N HIS A 30 -21.44 -5.86 -14.15
CA HIS A 30 -21.32 -5.89 -15.61
C HIS A 30 -20.40 -7.02 -16.05
N ASP A 31 -20.78 -7.69 -17.15
CA ASP A 31 -19.81 -8.50 -17.86
C ASP A 31 -18.85 -7.59 -18.61
N SER A 32 -17.66 -8.12 -18.89
CA SER A 32 -16.71 -7.42 -19.74
C SER A 32 -17.32 -7.15 -21.11
N VAL A 33 -17.00 -5.97 -21.66
CA VAL A 33 -17.41 -5.62 -23.02
C VAL A 33 -16.99 -6.71 -24.00
N SER A 34 -15.75 -7.18 -23.86
CA SER A 34 -15.25 -8.28 -24.70
C SER A 34 -16.00 -9.59 -24.45
N GLY A 35 -16.52 -9.78 -23.24
CA GLY A 35 -16.99 -11.08 -22.83
C GLY A 35 -15.92 -11.99 -22.27
N LYS A 36 -14.66 -11.56 -22.26
CA LYS A 36 -13.57 -12.37 -21.75
C LYS A 36 -13.48 -12.33 -20.23
N LYS A 37 -13.02 -13.44 -19.68
CA LYS A 37 -12.70 -13.58 -18.26
C LYS A 37 -11.24 -14.01 -18.12
N PHE A 38 -10.70 -13.84 -16.91
CA PHE A 38 -9.36 -14.31 -16.63
C PHE A 38 -9.33 -15.10 -15.34
N PRO A 39 -8.41 -16.04 -15.20
CA PRO A 39 -8.39 -16.90 -14.01
C PRO A 39 -7.74 -16.22 -12.80
N VAL A 40 -8.15 -16.68 -11.63
CA VAL A 40 -7.60 -16.22 -10.35
C VAL A 40 -7.18 -17.44 -9.56
N PHE A 41 -5.93 -17.42 -9.07
CA PHE A 41 -5.31 -18.58 -8.47
C PHE A 41 -5.07 -18.40 -6.97
N ASN A 42 -4.87 -19.52 -6.29
CA ASN A 42 -4.36 -19.55 -4.94
C ASN A 42 -2.85 -19.75 -4.98
N PRO A 43 -2.05 -18.83 -4.43
CA PRO A 43 -0.58 -19.00 -4.51
C PRO A 43 -0.01 -20.12 -3.66
N ALA A 44 -0.77 -20.66 -2.70
CA ALA A 44 -0.27 -21.71 -1.81
C ALA A 44 -0.49 -23.11 -2.38
N THR A 45 -1.32 -23.24 -3.40
CA THR A 45 -1.58 -24.52 -4.06
C THR A 45 -1.46 -24.47 -5.58
N GLU A 46 -1.38 -23.27 -6.17
CA GLU A 46 -1.28 -23.06 -7.61
C GLU A 46 -2.54 -23.48 -8.36
N GLU A 47 -3.65 -23.68 -7.65
CA GLU A 47 -4.90 -24.06 -8.28
C GLU A 47 -5.77 -22.83 -8.56
N GLU A 48 -6.63 -22.96 -9.55
CA GLU A 48 -7.52 -21.88 -9.94
C GLU A 48 -8.70 -21.81 -8.98
N LEU A 49 -8.98 -20.61 -8.46
CA LEU A 49 -10.06 -20.38 -7.51
C LEU A 49 -11.37 -20.03 -8.20
N CYS A 50 -11.30 -19.24 -9.28
CA CYS A 50 -12.47 -18.86 -10.07
C CYS A 50 -12.03 -18.06 -11.28
N GLN A 51 -13.00 -17.60 -12.06
CA GLN A 51 -12.76 -16.67 -13.16
C GLN A 51 -13.45 -15.34 -12.87
N VAL A 52 -12.87 -14.25 -13.37
CA VAL A 52 -13.35 -12.90 -13.12
C VAL A 52 -13.42 -12.16 -14.45
N GLU A 53 -14.42 -11.30 -14.62
CA GLU A 53 -14.53 -10.54 -15.86
C GLU A 53 -13.27 -9.69 -16.07
N GLU A 54 -12.71 -9.74 -17.26
CA GLU A 54 -11.46 -9.05 -17.54
C GLU A 54 -11.75 -7.66 -18.08
N GLY A 55 -11.61 -6.65 -17.21
CA GLY A 55 -11.82 -5.29 -17.68
C GLY A 55 -10.69 -4.86 -18.59
N ASP A 56 -11.03 -4.05 -19.58
CA ASP A 56 -10.05 -3.50 -20.50
C ASP A 56 -10.41 -2.03 -20.73
N LYS A 57 -9.84 -1.44 -21.78
CA LYS A 57 -10.03 0.00 -22.04
C LYS A 57 -11.51 0.36 -22.15
N GLU A 58 -12.25 -0.43 -22.94
CA GLU A 58 -13.68 -0.18 -23.13
C GLU A 58 -14.43 -0.21 -21.80
N ASP A 59 -13.96 -1.02 -20.85
CA ASP A 59 -14.63 -1.10 -19.54
C ASP A 59 -14.21 0.05 -18.62
N VAL A 60 -12.92 0.39 -18.61
CA VAL A 60 -12.49 1.62 -17.93
C VAL A 60 -13.25 2.82 -18.47
N ASP A 61 -13.53 2.82 -19.77
CA ASP A 61 -14.28 3.92 -20.37
C ASP A 61 -15.68 4.03 -19.78
N LYS A 62 -16.38 2.91 -19.64
CA LYS A 62 -17.71 2.93 -19.03
C LYS A 62 -17.63 3.42 -17.60
N ALA A 63 -16.56 3.04 -16.89
CA ALA A 63 -16.43 3.41 -15.49
C ALA A 63 -16.14 4.90 -15.33
N VAL A 64 -15.29 5.47 -16.20
CA VAL A 64 -15.02 6.91 -16.11
C VAL A 64 -16.28 7.70 -16.38
N LYS A 65 -17.08 7.28 -17.37
CA LYS A 65 -18.30 8.04 -17.66
C LYS A 65 -19.25 7.99 -16.46
N ALA A 66 -19.30 6.87 -15.74
CA ALA A 66 -20.16 6.80 -14.56
C ALA A 66 -19.62 7.67 -13.43
N ALA A 67 -18.31 7.60 -13.18
CA ALA A 67 -17.71 8.45 -12.16
C ALA A 67 -17.85 9.92 -12.53
N ARG A 68 -17.73 10.26 -13.82
CA ARG A 68 -17.88 11.66 -14.22
C ARG A 68 -19.31 12.14 -13.96
N GLN A 69 -20.30 11.32 -14.33
CA GLN A 69 -21.68 11.71 -14.10
C GLN A 69 -21.98 11.86 -12.61
N ALA A 70 -21.42 10.96 -11.79
CA ALA A 70 -21.65 11.07 -10.35
C ALA A 70 -20.96 12.29 -9.74
N PHE A 71 -19.97 12.86 -10.42
CA PHE A 71 -19.27 14.04 -9.92
C PHE A 71 -19.91 15.35 -10.40
N GLN A 72 -20.96 15.31 -11.24
CA GLN A 72 -21.49 16.55 -11.81
C GLN A 72 -22.08 17.46 -10.72
N ILE A 73 -21.87 18.77 -10.89
CA ILE A 73 -22.53 19.73 -10.02
C ILE A 73 -24.03 19.44 -9.97
N GLY A 74 -24.61 19.47 -8.76
CA GLY A 74 -26.02 19.17 -8.57
C GLY A 74 -26.32 17.71 -8.26
N SER A 75 -25.33 16.82 -8.41
CA SER A 75 -25.52 15.39 -8.17
C SER A 75 -25.69 15.10 -6.68
N PRO A 76 -26.29 13.96 -6.33
CA PRO A 76 -26.35 13.58 -4.91
C PRO A 76 -24.99 13.57 -4.22
N TRP A 77 -23.94 13.02 -4.85
CA TRP A 77 -22.64 13.01 -4.18
C TRP A 77 -22.06 14.41 -4.03
N ARG A 78 -22.38 15.34 -4.94
CA ARG A 78 -21.83 16.68 -4.78
C ARG A 78 -22.61 17.53 -3.78
N THR A 79 -23.91 17.25 -3.61
CA THR A 79 -24.74 18.14 -2.81
C THR A 79 -25.01 17.64 -1.39
N MET A 80 -24.75 16.37 -1.08
CA MET A 80 -25.05 15.87 0.26
C MET A 80 -24.10 16.51 1.27
N ASP A 81 -24.54 16.56 2.52
CA ASP A 81 -23.68 17.14 3.55
C ASP A 81 -22.37 16.37 3.62
N ALA A 82 -21.26 17.11 3.84
CA ALA A 82 -19.99 16.43 4.14
C ALA A 82 -20.15 15.43 5.28
N SER A 83 -20.94 15.79 6.31
CA SER A 83 -21.11 14.86 7.43
C SER A 83 -21.73 13.55 6.98
N GLU A 84 -22.52 13.58 5.91
CA GLU A 84 -23.16 12.38 5.39
C GLU A 84 -22.21 11.54 4.54
N ARG A 85 -21.28 12.17 3.80
CA ARG A 85 -20.18 11.41 3.24
C ARG A 85 -19.47 10.62 4.34
N GLY A 86 -19.20 11.29 5.47
CA GLY A 86 -18.54 10.60 6.58
C GLY A 86 -19.38 9.47 7.13
N ARG A 87 -20.69 9.71 7.26
CA ARG A 87 -21.61 8.68 7.74
C ARG A 87 -21.56 7.43 6.87
N LEU A 88 -21.56 7.59 5.55
CA LEU A 88 -21.50 6.44 4.66
C LEU A 88 -20.19 5.69 4.82
N LEU A 89 -19.09 6.40 5.01
CA LEU A 89 -17.82 5.74 5.23
C LEU A 89 -17.82 4.98 6.55
N TYR A 90 -18.40 5.56 7.62
N TYR A 90 -18.38 5.59 7.61
CA TYR A 90 -18.46 4.81 8.87
CA TYR A 90 -18.54 4.89 8.89
C TYR A 90 -19.39 3.60 8.76
C TYR A 90 -19.36 3.62 8.71
N LYS A 91 -20.44 3.69 7.93
CA LYS A 91 -21.29 2.52 7.75
C LYS A 91 -20.58 1.43 6.97
N LEU A 92 -19.81 1.82 5.96
CA LEU A 92 -19.01 0.83 5.23
C LEU A 92 -18.05 0.14 6.17
N ALA A 93 -17.41 0.87 7.08
CA ALA A 93 -16.53 0.22 8.05
C ALA A 93 -17.30 -0.79 8.90
N ASP A 94 -18.52 -0.43 9.31
CA ASP A 94 -19.36 -1.34 10.07
C ASP A 94 -19.63 -2.62 9.29
N LEU A 95 -19.89 -2.48 7.99
CA LEU A 95 -20.20 -3.64 7.17
C LEU A 95 -18.98 -4.54 6.99
N ILE A 96 -17.80 -3.94 6.88
CA ILE A 96 -16.59 -4.75 6.78
C ILE A 96 -16.32 -5.48 8.09
N GLU A 97 -16.58 -4.81 9.22
CA GLU A 97 -16.51 -5.48 10.51
C GLU A 97 -17.45 -6.69 10.54
N ARG A 98 -18.67 -6.54 10.01
CA ARG A 98 -19.63 -7.65 10.00
C ARG A 98 -19.11 -8.81 9.17
N ASP A 99 -18.48 -8.52 8.03
CA ASP A 99 -17.99 -9.55 7.14
C ASP A 99 -16.51 -9.85 7.34
N ARG A 100 -16.00 -9.64 8.56
CA ARG A 100 -14.57 -9.73 8.79
C ARG A 100 -14.06 -11.15 8.57
N LEU A 101 -14.81 -12.15 9.04
CA LEU A 101 -14.35 -13.53 8.90
C LEU A 101 -14.24 -13.92 7.43
N LEU A 102 -15.28 -13.66 6.63
CA LEU A 102 -15.19 -14.06 5.24
C LEU A 102 -14.17 -13.20 4.48
N LEU A 103 -14.05 -11.93 4.81
CA LEU A 103 -13.07 -11.09 4.13
C LEU A 103 -11.65 -11.53 4.45
N ALA A 104 -11.37 -11.82 5.71
CA ALA A 104 -10.03 -12.28 6.08
C ALA A 104 -9.73 -13.62 5.44
N THR A 105 -10.73 -14.48 5.30
CA THR A 105 -10.50 -15.78 4.69
C THR A 105 -10.18 -15.65 3.21
N MET A 106 -11.02 -14.86 2.50
CA MET A 106 -10.82 -14.61 1.09
C MET A 106 -9.47 -13.93 0.83
N GLU A 107 -9.13 -12.95 1.66
CA GLU A 107 -7.84 -12.28 1.50
C GLU A 107 -6.69 -13.26 1.67
N SER A 108 -6.76 -14.10 2.71
CA SER A 108 -5.72 -15.09 2.96
C SER A 108 -5.64 -16.11 1.82
N MET A 109 -6.79 -16.62 1.39
CA MET A 109 -6.84 -17.62 0.33
C MET A 109 -6.35 -17.06 -1.00
N ASN A 110 -6.81 -15.86 -1.36
CA ASN A 110 -6.44 -15.28 -2.65
C ASN A 110 -5.03 -14.71 -2.63
N GLY A 111 -4.62 -14.15 -1.48
CA GLY A 111 -3.39 -13.39 -1.37
C GLY A 111 -2.20 -14.16 -0.86
N GLY A 112 -2.37 -15.42 -0.46
CA GLY A 112 -1.29 -16.16 0.16
C GLY A 112 -0.85 -15.56 1.48
N LYS A 113 -1.79 -15.01 2.25
CA LYS A 113 -1.49 -14.21 3.43
C LYS A 113 -1.89 -14.97 4.68
N LEU A 114 -0.97 -15.10 5.63
CA LEU A 114 -1.28 -15.75 6.91
C LEU A 114 -2.61 -15.25 7.46
N TYR A 115 -3.51 -16.20 7.72
CA TYR A 115 -4.87 -15.84 8.14
C TYR A 115 -4.85 -15.04 9.44
N SER A 116 -3.98 -15.42 10.38
CA SER A 116 -3.86 -14.70 11.63
C SER A 116 -3.60 -13.22 11.38
N ASN A 117 -2.61 -12.92 10.53
CA ASN A 117 -2.33 -11.54 10.16
C ASN A 117 -3.51 -10.93 9.39
N ALA A 118 -4.07 -11.67 8.43
CA ALA A 118 -5.20 -11.12 7.68
C ALA A 118 -6.32 -10.69 8.60
N TYR A 119 -6.61 -11.50 9.61
CA TYR A 119 -7.71 -11.19 10.52
C TYR A 119 -7.33 -10.09 11.51
N LEU A 120 -6.18 -10.22 12.16
CA LEU A 120 -5.87 -9.32 13.27
C LEU A 120 -5.23 -8.01 12.82
N ASN A 121 -4.60 -7.98 11.65
CA ASN A 121 -3.91 -6.78 11.19
CA ASN A 121 -3.89 -6.79 11.17
C ASN A 121 -4.55 -6.17 9.97
N ASP A 122 -4.66 -6.90 8.85
CA ASP A 122 -5.25 -6.32 7.64
C ASP A 122 -6.68 -5.86 7.88
N LEU A 123 -7.52 -6.76 8.39
CA LEU A 123 -8.93 -6.37 8.55
C LEU A 123 -9.09 -5.27 9.59
N ALA A 124 -8.34 -5.38 10.69
CA ALA A 124 -8.40 -4.31 11.70
C ALA A 124 -7.96 -2.98 11.12
N GLY A 125 -6.90 -2.99 10.30
CA GLY A 125 -6.43 -1.75 9.70
C GLY A 125 -7.39 -1.17 8.69
N CYS A 126 -8.10 -2.04 7.96
CA CYS A 126 -9.15 -1.59 7.05
CA CYS A 126 -9.14 -1.59 7.04
C CYS A 126 -10.25 -0.85 7.79
N ILE A 127 -10.75 -1.47 8.87
CA ILE A 127 -11.82 -0.88 9.66
C ILE A 127 -11.36 0.43 10.31
N LYS A 128 -10.19 0.42 10.95
CA LYS A 128 -9.69 1.62 11.60
C LYS A 128 -9.41 2.73 10.60
N THR A 129 -8.82 2.42 9.45
CA THR A 129 -8.51 3.50 8.52
C THR A 129 -9.78 4.12 7.95
N LEU A 130 -10.78 3.28 7.62
CA LEU A 130 -12.05 3.81 7.17
C LEU A 130 -12.67 4.73 8.22
N ARG A 131 -12.60 4.34 9.49
CA ARG A 131 -13.20 5.17 10.53
C ARG A 131 -12.44 6.48 10.68
N TYR A 132 -11.11 6.42 10.57
CA TYR A 132 -10.31 7.64 10.59
C TYR A 132 -10.74 8.58 9.46
N CYS A 133 -10.80 8.07 8.23
CA CYS A 133 -11.13 8.90 7.08
C CYS A 133 -12.53 9.49 7.19
N ALA A 134 -13.48 8.71 7.72
CA ALA A 134 -14.84 9.20 7.89
C ALA A 134 -14.86 10.47 8.73
N GLY A 135 -14.02 10.52 9.77
CA GLY A 135 -14.01 11.67 10.65
C GLY A 135 -13.52 12.94 9.98
N TRP A 136 -12.72 12.82 8.92
CA TRP A 136 -12.21 14.01 8.25
C TRP A 136 -13.25 14.69 7.35
N ALA A 137 -14.34 14.00 6.97
CA ALA A 137 -15.13 14.43 5.81
C ALA A 137 -15.69 15.86 5.98
N ASP A 138 -16.24 16.17 7.14
CA ASP A 138 -16.81 17.50 7.36
C ASP A 138 -15.84 18.41 8.09
N LYS A 139 -14.56 18.11 8.01
CA LYS A 139 -13.49 18.90 8.60
C LYS A 139 -12.47 19.30 7.54
N ILE A 140 -12.77 19.06 6.26
CA ILE A 140 -12.00 19.60 5.14
C ILE A 140 -12.44 21.05 4.92
N GLN A 141 -11.50 21.99 5.06
CA GLN A 141 -11.82 23.41 5.11
C GLN A 141 -10.84 24.20 4.26
N GLY A 142 -11.34 25.26 3.65
CA GLY A 142 -10.51 26.29 3.04
C GLY A 142 -10.21 27.42 3.99
N ARG A 143 -9.91 28.59 3.42
CA ARG A 143 -9.42 29.73 4.17
C ARG A 143 -10.19 30.98 3.79
N THR A 144 -10.18 31.98 4.68
CA THR A 144 -10.47 33.36 4.31
C THR A 144 -9.16 34.12 4.49
N ILE A 145 -8.84 34.96 3.51
CA ILE A 145 -7.47 35.43 3.32
C ILE A 145 -7.43 36.95 3.22
N PRO A 146 -6.56 37.61 3.98
CA PRO A 146 -6.50 39.09 3.98
C PRO A 146 -5.65 39.63 2.85
N ILE A 147 -6.11 39.39 1.61
CA ILE A 147 -5.46 39.82 0.39
C ILE A 147 -5.24 41.33 0.39
N ASP A 148 -4.20 41.80 -0.30
CA ASP A 148 -4.04 43.21 -0.54
C ASP A 148 -5.24 43.74 -1.32
N GLY A 149 -5.62 45.02 -1.07
CA GLY A 149 -6.70 45.67 -1.78
C GLY A 149 -8.09 45.39 -1.22
N ASN A 150 -9.09 46.06 -1.80
CA ASN A 150 -10.46 45.99 -1.30
C ASN A 150 -11.18 44.81 -1.96
N PHE A 151 -10.93 43.63 -1.40
CA PHE A 151 -11.47 42.38 -1.89
C PHE A 151 -11.75 41.48 -0.70
N PHE A 152 -12.74 40.60 -0.90
CA PHE A 152 -13.00 39.47 -0.01
C PHE A 152 -12.52 38.23 -0.75
N THR A 153 -11.55 37.52 -0.16
CA THR A 153 -10.98 36.32 -0.78
C THR A 153 -11.15 35.11 0.12
N TYR A 154 -11.74 34.04 -0.42
CA TYR A 154 -11.83 32.78 0.30
C TYR A 154 -11.36 31.67 -0.64
N THR A 155 -11.07 30.50 -0.07
CA THR A 155 -10.73 29.36 -0.91
C THR A 155 -11.67 28.22 -0.61
N ARG A 156 -11.94 27.41 -1.64
CA ARG A 156 -12.67 26.16 -1.51
C ARG A 156 -11.67 25.04 -1.76
N HIS A 157 -11.58 24.09 -0.83
CA HIS A 157 -10.81 22.87 -1.07
C HIS A 157 -11.80 21.85 -1.63
N GLU A 158 -12.00 21.92 -2.93
CA GLU A 158 -12.94 21.05 -3.61
C GLU A 158 -12.36 19.65 -3.80
N PRO A 159 -13.22 18.64 -3.99
CA PRO A 159 -12.71 17.37 -4.53
C PRO A 159 -12.13 17.62 -5.92
N ILE A 160 -11.15 16.81 -6.31
CA ILE A 160 -10.52 16.97 -7.62
C ILE A 160 -11.47 16.53 -8.73
N GLY A 161 -12.10 15.38 -8.54
CA GLY A 161 -12.98 14.84 -9.56
C GLY A 161 -12.84 13.34 -9.63
N VAL A 162 -12.68 12.81 -10.84
CA VAL A 162 -12.59 11.37 -11.04
C VAL A 162 -11.15 10.94 -10.80
N CYS A 163 -10.95 10.03 -9.85
CA CYS A 163 -9.62 9.56 -9.45
C CYS A 163 -9.46 8.08 -9.82
N GLY A 164 -8.52 7.78 -10.71
CA GLY A 164 -8.17 6.39 -10.96
C GLY A 164 -7.19 5.89 -9.92
N GLN A 165 -7.46 4.70 -9.39
CA GLN A 165 -6.72 4.17 -8.26
C GLN A 165 -6.32 2.73 -8.55
N ILE A 166 -5.02 2.49 -8.67
CA ILE A 166 -4.47 1.18 -9.03
C ILE A 166 -3.88 0.56 -7.76
N ILE A 167 -4.45 -0.56 -7.33
CA ILE A 167 -4.20 -1.20 -6.04
C ILE A 167 -3.26 -2.39 -6.21
N PRO A 168 -2.26 -2.59 -5.33
CA PRO A 168 -1.36 -3.74 -5.47
C PRO A 168 -1.93 -5.01 -4.85
N TRP A 169 -1.15 -6.10 -4.98
CA TRP A 169 -1.57 -7.42 -4.51
C TRP A 169 -1.04 -7.79 -3.13
N ASN A 170 -0.06 -7.04 -2.58
CA ASN A 170 0.50 -7.45 -1.30
C ASN A 170 -0.43 -7.14 -0.13
N PHE A 171 -1.20 -6.06 -0.20
CA PHE A 171 -2.19 -5.74 0.82
C PHE A 171 -3.46 -5.27 0.13
N PRO A 172 -4.23 -6.19 -0.45
CA PRO A 172 -5.32 -5.77 -1.34
C PRO A 172 -6.41 -4.97 -0.64
N LEU A 173 -6.82 -5.40 0.56
CA LEU A 173 -7.87 -4.69 1.28
C LEU A 173 -7.36 -3.41 1.92
N VAL A 174 -6.22 -3.48 2.61
CA VAL A 174 -5.72 -2.27 3.28
C VAL A 174 -5.48 -1.17 2.25
N MET A 175 -4.89 -1.52 1.10
CA MET A 175 -4.55 -0.51 0.11
C MET A 175 -5.79 -0.03 -0.64
N LEU A 176 -6.78 -0.89 -0.81
CA LEU A 176 -8.08 -0.43 -1.33
C LEU A 176 -8.65 0.65 -0.42
N ILE A 177 -8.61 0.42 0.89
CA ILE A 177 -9.22 1.39 1.81
C ILE A 177 -8.36 2.64 1.95
N TRP A 178 -7.02 2.49 1.93
CA TRP A 178 -6.14 3.66 1.97
C TRP A 178 -6.37 4.58 0.77
N LYS A 179 -6.80 4.02 -0.35
CA LYS A 179 -7.14 4.79 -1.55
C LYS A 179 -8.57 5.35 -1.48
N ILE A 180 -9.57 4.49 -1.29
CA ILE A 180 -10.93 5.02 -1.42
C ILE A 180 -11.36 5.82 -0.20
N GLY A 181 -10.79 5.54 0.98
CA GLY A 181 -11.14 6.27 2.19
C GLY A 181 -10.96 7.78 2.08
N PRO A 182 -9.73 8.22 1.86
CA PRO A 182 -9.49 9.67 1.67
C PRO A 182 -10.16 10.23 0.43
N ALA A 183 -10.15 9.50 -0.69
CA ALA A 183 -10.76 10.02 -1.90
C ALA A 183 -12.25 10.32 -1.69
N LEU A 184 -12.98 9.37 -1.09
CA LEU A 184 -14.41 9.56 -0.84
C LEU A 184 -14.66 10.59 0.25
N SER A 185 -13.82 10.60 1.28
CA SER A 185 -14.02 11.56 2.37
C SER A 185 -13.99 12.98 1.82
N CYS A 186 -13.10 13.24 0.86
CA CYS A 186 -12.96 14.56 0.26
C CYS A 186 -14.00 14.84 -0.82
N GLY A 187 -14.80 13.86 -1.22
CA GLY A 187 -15.87 14.10 -2.17
C GLY A 187 -15.59 13.71 -3.60
N ASN A 188 -14.50 13.00 -3.87
CA ASN A 188 -14.16 12.51 -5.20
C ASN A 188 -15.02 11.31 -5.56
N THR A 189 -14.98 10.94 -6.86
CA THR A 189 -15.47 9.66 -7.32
C THR A 189 -14.27 8.87 -7.84
N VAL A 190 -14.37 7.54 -7.83
CA VAL A 190 -13.19 6.73 -8.11
C VAL A 190 -13.46 5.62 -9.11
N VAL A 191 -12.41 5.26 -9.84
CA VAL A 191 -12.36 4.08 -10.70
C VAL A 191 -11.17 3.27 -10.20
N VAL A 192 -11.45 2.13 -9.56
CA VAL A 192 -10.44 1.32 -8.87
C VAL A 192 -10.05 0.16 -9.78
N LYS A 193 -8.76 -0.17 -9.82
CA LYS A 193 -8.27 -1.32 -10.59
C LYS A 193 -7.48 -2.17 -9.63
N PRO A 194 -8.09 -3.20 -9.05
CA PRO A 194 -7.35 -4.09 -8.15
C PRO A 194 -6.35 -4.92 -8.94
N ALA A 195 -5.38 -5.48 -8.20
CA ALA A 195 -4.34 -6.26 -8.85
C ALA A 195 -4.94 -7.46 -9.59
N GLU A 196 -4.34 -7.80 -10.74
CA GLU A 196 -4.76 -9.00 -11.46
C GLU A 196 -4.73 -10.23 -10.56
N GLN A 197 -3.76 -10.29 -9.63
CA GLN A 197 -3.62 -11.45 -8.77
C GLN A 197 -4.72 -11.53 -7.71
N THR A 198 -5.25 -10.38 -7.26
CA THR A 198 -6.12 -10.33 -6.08
C THR A 198 -7.31 -9.39 -6.29
N PRO A 199 -8.22 -9.73 -7.21
CA PRO A 199 -9.43 -8.89 -7.37
C PRO A 199 -10.55 -9.20 -6.39
N LEU A 200 -10.50 -10.35 -5.70
CA LEU A 200 -11.72 -10.89 -5.09
C LEU A 200 -12.20 -10.05 -3.91
N THR A 201 -11.29 -9.67 -2.99
CA THR A 201 -11.77 -8.92 -1.83
C THR A 201 -12.27 -7.53 -2.21
N ALA A 202 -11.73 -6.91 -3.27
CA ALA A 202 -12.24 -5.60 -3.66
C ALA A 202 -13.65 -5.70 -4.20
N LEU A 203 -13.97 -6.80 -4.89
CA LEU A 203 -15.32 -6.95 -5.41
C LEU A 203 -16.31 -7.20 -4.29
N HIS A 204 -15.90 -7.92 -3.25
CA HIS A 204 -16.82 -8.07 -2.11
C HIS A 204 -17.08 -6.71 -1.45
N VAL A 205 -16.04 -5.89 -1.29
CA VAL A 205 -16.25 -4.58 -0.69
C VAL A 205 -17.19 -3.74 -1.56
N ALA A 206 -17.08 -3.90 -2.89
CA ALA A 206 -18.01 -3.20 -3.77
C ALA A 206 -19.45 -3.55 -3.43
N SER A 207 -19.71 -4.84 -3.15
CA SER A 207 -21.05 -5.26 -2.72
C SER A 207 -21.47 -4.51 -1.45
N LEU A 208 -20.51 -4.22 -0.56
CA LEU A 208 -20.84 -3.50 0.68
C LEU A 208 -21.00 -2.01 0.45
N ILE A 209 -20.34 -1.47 -0.57
CA ILE A 209 -20.55 -0.07 -0.92
C ILE A 209 -21.98 0.13 -1.42
N LYS A 210 -22.47 -0.82 -2.23
CA LYS A 210 -23.89 -0.83 -2.61
C LYS A 210 -24.80 -0.88 -1.38
N GLU A 211 -24.53 -1.82 -0.47
CA GLU A 211 -25.38 -2.02 0.70
C GLU A 211 -25.40 -0.78 1.59
N ALA A 212 -24.25 -0.11 1.72
CA ALA A 212 -24.16 1.06 2.59
C ALA A 212 -24.95 2.24 2.05
N GLY A 213 -25.16 2.30 0.74
CA GLY A 213 -25.98 3.35 0.15
C GLY A 213 -25.23 4.44 -0.58
N PHE A 214 -23.95 4.24 -0.92
CA PHE A 214 -23.25 5.23 -1.71
C PHE A 214 -24.00 5.45 -3.02
N PRO A 215 -24.11 6.69 -3.50
CA PRO A 215 -24.79 6.90 -4.78
C PRO A 215 -24.05 6.16 -5.90
N PRO A 216 -24.78 5.72 -6.92
CA PRO A 216 -24.14 4.96 -8.00
C PRO A 216 -23.11 5.80 -8.74
N GLY A 217 -22.02 5.16 -9.12
CA GLY A 217 -20.95 5.82 -9.83
C GLY A 217 -19.93 6.48 -8.95
N VAL A 218 -20.17 6.55 -7.64
CA VAL A 218 -19.17 7.10 -6.74
C VAL A 218 -17.96 6.17 -6.61
N VAL A 219 -18.19 4.86 -6.62
CA VAL A 219 -17.11 3.87 -6.61
C VAL A 219 -17.38 2.87 -7.73
N ASN A 220 -16.42 2.73 -8.64
CA ASN A 220 -16.47 1.75 -9.72
C ASN A 220 -15.20 0.92 -9.68
N ILE A 221 -15.34 -0.41 -9.80
CA ILE A 221 -14.20 -1.31 -9.64
C ILE A 221 -14.09 -2.15 -10.91
N VAL A 222 -12.93 -2.08 -11.56
CA VAL A 222 -12.69 -2.76 -12.84
C VAL A 222 -11.50 -3.70 -12.70
N PRO A 223 -11.71 -4.97 -12.37
CA PRO A 223 -10.61 -5.92 -12.35
C PRO A 223 -10.05 -6.11 -13.75
N GLY A 224 -8.81 -6.58 -13.81
CA GLY A 224 -8.11 -6.74 -15.06
C GLY A 224 -6.61 -6.61 -14.87
N TYR A 225 -5.91 -6.52 -16.00
CA TYR A 225 -4.46 -6.54 -16.04
C TYR A 225 -3.88 -5.13 -16.08
N GLY A 226 -2.64 -5.02 -15.60
CA GLY A 226 -1.93 -3.77 -15.55
C GLY A 226 -1.72 -3.11 -16.89
N PRO A 227 -1.06 -3.81 -17.82
CA PRO A 227 -0.78 -3.21 -19.14
C PRO A 227 -2.02 -2.87 -19.94
N THR A 228 -3.19 -3.39 -19.56
CA THR A 228 -4.44 -3.11 -20.26
C THR A 228 -5.31 -2.13 -19.50
N ALA A 229 -5.97 -2.57 -18.43
CA ALA A 229 -6.84 -1.68 -17.67
C ALA A 229 -6.04 -0.62 -16.93
N GLY A 230 -4.90 -0.99 -16.34
CA GLY A 230 -4.08 0.00 -15.64
C GLY A 230 -3.55 1.06 -16.59
N ALA A 231 -3.16 0.67 -17.80
CA ALA A 231 -2.66 1.67 -18.74
C ALA A 231 -3.78 2.56 -19.23
N ALA A 232 -4.97 2.00 -19.39
CA ALA A 232 -6.13 2.77 -19.81
C ALA A 232 -6.42 3.90 -18.83
N ILE A 233 -6.32 3.61 -17.54
CA ILE A 233 -6.53 4.62 -16.50
C ILE A 233 -5.48 5.70 -16.60
N SER A 234 -4.21 5.31 -16.65
CA SER A 234 -3.13 6.28 -16.60
C SER A 234 -3.15 7.21 -17.81
N SER A 235 -3.66 6.76 -18.95
CA SER A 235 -3.69 7.56 -20.15
C SER A 235 -5.05 8.18 -20.43
N HIS A 236 -6.06 7.96 -19.58
CA HIS A 236 -7.41 8.42 -19.89
C HIS A 236 -7.49 9.95 -19.90
N MET A 237 -8.20 10.49 -20.88
CA MET A 237 -8.29 11.94 -21.03
C MET A 237 -9.34 12.58 -20.14
N ASP A 238 -10.13 11.81 -19.40
CA ASP A 238 -11.11 12.41 -18.51
C ASP A 238 -10.98 11.91 -17.07
N ILE A 239 -9.82 11.36 -16.71
CA ILE A 239 -9.50 11.04 -15.32
C ILE A 239 -8.64 12.18 -14.80
N ASP A 240 -9.03 12.75 -13.63
CA ASP A 240 -8.39 13.96 -13.14
C ASP A 240 -7.10 13.66 -12.36
N LYS A 241 -7.02 12.49 -11.73
CA LYS A 241 -5.90 12.14 -10.88
C LYS A 241 -5.76 10.61 -10.87
N VAL A 242 -4.51 10.13 -10.88
CA VAL A 242 -4.22 8.70 -10.72
C VAL A 242 -3.36 8.50 -9.47
N ALA A 243 -3.74 7.54 -8.65
CA ALA A 243 -2.93 7.11 -7.51
C ALA A 243 -2.51 5.67 -7.75
N PHE A 244 -1.22 5.41 -7.61
CA PHE A 244 -0.66 4.10 -7.92
C PHE A 244 0.26 3.67 -6.79
N THR A 245 0.12 2.42 -6.37
CA THR A 245 1.04 1.78 -5.43
C THR A 245 1.58 0.52 -6.08
N GLY A 246 2.89 0.36 -6.07
CA GLY A 246 3.51 -0.75 -6.79
C GLY A 246 4.99 -0.46 -6.99
N SER A 247 5.53 -1.08 -8.04
CA SER A 247 6.95 -0.99 -8.28
C SER A 247 7.33 0.41 -8.77
N THR A 248 8.60 0.77 -8.56
CA THR A 248 9.09 2.04 -9.07
C THR A 248 9.15 2.04 -10.60
N GLU A 249 9.34 0.87 -11.20
CA GLU A 249 9.41 0.78 -12.66
C GLU A 249 8.08 1.14 -13.31
N VAL A 250 6.97 0.61 -12.76
CA VAL A 250 5.66 0.97 -13.28
C VAL A 250 5.34 2.41 -12.91
N GLY A 251 5.77 2.86 -11.73
CA GLY A 251 5.53 4.22 -11.34
C GLY A 251 6.05 5.23 -12.36
N LYS A 252 7.22 4.95 -12.94
CA LYS A 252 7.77 5.83 -13.96
C LYS A 252 6.86 5.87 -15.18
N LEU A 253 6.30 4.73 -15.56
CA LEU A 253 5.39 4.68 -16.69
C LEU A 253 4.10 5.42 -16.41
N ILE A 254 3.55 5.27 -15.19
CA ILE A 254 2.34 6.00 -14.84
C ILE A 254 2.57 7.51 -14.99
N LYS A 255 3.68 8.00 -14.44
CA LYS A 255 3.96 9.43 -14.47
C LYS A 255 4.19 9.93 -15.90
N GLU A 256 4.81 9.10 -16.74
CA GLU A 256 5.04 9.53 -18.11
C GLU A 256 3.72 9.62 -18.87
N ALA A 257 2.85 8.61 -18.72
CA ALA A 257 1.56 8.62 -19.41
C ALA A 257 0.67 9.77 -18.95
N ALA A 258 0.78 10.18 -17.69
CA ALA A 258 0.02 11.34 -17.23
C ALA A 258 0.48 12.60 -17.97
N GLY A 259 1.79 12.79 -18.08
CA GLY A 259 2.29 13.94 -18.82
C GLY A 259 1.87 13.91 -20.28
N LYS A 260 1.84 12.71 -20.86
CA LYS A 260 1.56 12.54 -22.29
C LYS A 260 0.10 12.79 -22.64
N SER A 261 -0.83 12.54 -21.71
CA SER A 261 -2.25 12.59 -22.03
C SER A 261 -2.87 13.92 -21.63
N ASN A 262 -3.32 14.04 -20.36
CA ASN A 262 -4.10 15.20 -19.92
C ASN A 262 -3.53 15.87 -18.68
N LEU A 263 -2.26 15.61 -18.37
CA LEU A 263 -1.57 16.22 -17.22
C LEU A 263 -2.30 15.93 -15.92
N LYS A 264 -2.94 14.77 -15.82
CA LYS A 264 -3.62 14.40 -14.59
C LYS A 264 -2.65 14.40 -13.42
N ARG A 265 -3.18 14.73 -12.24
CA ARG A 265 -2.41 14.69 -11.01
C ARG A 265 -2.02 13.26 -10.69
N VAL A 266 -0.85 13.09 -10.06
CA VAL A 266 -0.32 11.75 -9.79
C VAL A 266 0.19 11.67 -8.35
N THR A 267 -0.20 10.59 -7.66
CA THR A 267 0.37 10.20 -6.38
C THR A 267 0.94 8.80 -6.59
N LEU A 268 2.16 8.58 -6.11
CA LEU A 268 2.86 7.30 -6.30
C LEU A 268 3.39 6.81 -4.97
N GLU A 269 3.10 5.55 -4.63
CA GLU A 269 3.69 4.88 -3.47
C GLU A 269 4.45 3.67 -3.99
N LEU A 270 5.77 3.76 -3.98
CA LEU A 270 6.57 2.82 -4.73
C LEU A 270 7.46 2.01 -3.78
N GLY A 271 8.41 1.27 -4.35
CA GLY A 271 9.21 0.35 -3.57
C GLY A 271 10.29 1.04 -2.75
N GLY A 272 11.18 0.23 -2.21
CA GLY A 272 12.26 0.77 -1.40
C GLY A 272 13.42 -0.19 -1.28
N LYS A 273 14.47 0.32 -0.65
CA LYS A 273 15.60 -0.49 -0.22
C LYS A 273 15.99 0.07 1.14
N SER A 274 15.06 -0.01 2.08
CA SER A 274 15.09 0.82 3.27
C SER A 274 16.15 0.32 4.25
N PRO A 275 16.93 1.23 4.83
CA PRO A 275 18.02 0.82 5.72
C PRO A 275 17.69 0.94 7.20
N CYS A 276 18.36 0.11 8.01
CA CYS A 276 18.39 0.24 9.45
C CYS A 276 19.82 0.51 9.89
N ILE A 277 19.99 1.37 10.89
CA ILE A 277 21.30 1.65 11.46
C ILE A 277 21.23 1.29 12.93
N VAL A 278 22.04 0.30 13.34
CA VAL A 278 21.99 -0.22 14.71
C VAL A 278 23.29 0.19 15.38
N LEU A 279 23.20 1.15 16.31
CA LEU A 279 24.38 1.65 17.00
C LEU A 279 24.78 0.69 18.11
N ALA A 280 26.05 0.78 18.51
CA ALA A 280 26.61 -0.18 19.46
C ALA A 280 25.88 -0.15 20.80
N ASP A 281 25.28 0.98 21.15
CA ASP A 281 24.58 1.15 22.41
C ASP A 281 23.11 0.74 22.36
N ALA A 282 22.67 0.16 21.26
CA ALA A 282 21.25 -0.17 21.12
C ALA A 282 20.87 -1.32 22.05
N ASP A 283 19.59 -1.33 22.43
CA ASP A 283 18.96 -2.52 22.97
C ASP A 283 19.03 -3.58 21.89
N LEU A 284 19.95 -4.54 22.04
CA LEU A 284 20.27 -5.46 20.95
C LEU A 284 19.10 -6.39 20.62
N ASP A 285 18.48 -6.98 21.63
CA ASP A 285 17.33 -7.86 21.40
C ASP A 285 16.17 -7.10 20.75
N ASN A 286 15.91 -5.88 21.21
CA ASN A 286 14.85 -5.09 20.60
C ASN A 286 15.16 -4.79 19.14
N ALA A 287 16.39 -4.41 18.84
CA ALA A 287 16.77 -4.15 17.45
C ALA A 287 16.69 -5.43 16.61
N VAL A 288 17.14 -6.57 17.14
CA VAL A 288 17.09 -7.80 16.35
C VAL A 288 15.64 -8.14 15.99
N GLU A 289 14.71 -7.99 16.94
CA GLU A 289 13.35 -8.44 16.65
C GLU A 289 12.64 -7.47 15.71
N PHE A 290 12.78 -6.17 15.92
CA PHE A 290 12.10 -5.23 15.04
C PHE A 290 12.67 -5.29 13.62
N ALA A 291 13.99 -5.43 13.48
CA ALA A 291 14.58 -5.51 12.15
C ALA A 291 14.23 -6.82 11.46
N HIS A 292 14.12 -7.90 12.24
CA HIS A 292 13.69 -9.18 11.69
C HIS A 292 12.31 -9.10 11.07
N HIS A 293 11.32 -8.67 11.87
CA HIS A 293 9.97 -8.54 11.31
C HIS A 293 9.92 -7.46 10.25
N GLY A 294 10.80 -6.46 10.35
CA GLY A 294 10.83 -5.38 9.38
C GLY A 294 11.14 -5.85 7.97
N VAL A 295 11.87 -6.95 7.84
CA VAL A 295 12.27 -7.44 6.51
C VAL A 295 11.48 -8.69 6.12
N PHE A 296 10.99 -9.46 7.09
CA PHE A 296 10.31 -10.71 6.79
C PHE A 296 8.79 -10.58 6.75
N TYR A 297 8.22 -9.44 7.11
CA TYR A 297 6.76 -9.38 7.22
C TYR A 297 6.10 -9.70 5.88
N HIS A 298 5.02 -10.49 5.95
CA HIS A 298 4.28 -10.93 4.77
C HIS A 298 5.21 -11.50 3.70
N GLN A 299 6.08 -12.42 4.11
CA GLN A 299 7.01 -13.08 3.21
C GLN A 299 7.89 -12.06 2.49
N GLY A 300 8.25 -10.97 3.20
CA GLY A 300 9.10 -9.94 2.63
C GLY A 300 8.46 -9.05 1.60
N GLN A 301 7.13 -9.11 1.45
CA GLN A 301 6.43 -8.43 0.37
C GLN A 301 5.85 -7.09 0.84
N CYS A 302 6.66 -6.32 1.57
CA CYS A 302 6.35 -4.96 1.96
C CYS A 302 7.29 -3.99 1.28
N CYS A 303 6.75 -2.90 0.73
CA CYS A 303 7.62 -1.88 0.14
C CYS A 303 8.60 -1.29 1.16
N ILE A 304 8.25 -1.31 2.45
CA ILE A 304 9.11 -0.76 3.50
C ILE A 304 10.13 -1.76 4.03
N ALA A 305 10.22 -2.94 3.42
CA ALA A 305 11.07 -4.02 3.94
C ALA A 305 12.45 -3.48 4.35
N ALA A 306 12.90 -3.86 5.56
CA ALA A 306 14.17 -3.37 6.11
C ALA A 306 15.31 -4.21 5.53
N SER A 307 15.59 -3.95 4.26
CA SER A 307 16.36 -4.88 3.46
C SER A 307 17.85 -4.55 3.44
N ARG A 308 18.28 -3.52 4.16
CA ARG A 308 19.69 -3.29 4.42
C ARG A 308 19.84 -2.96 5.90
N ILE A 309 20.49 -3.83 6.66
CA ILE A 309 20.61 -3.66 8.10
C ILE A 309 22.08 -3.49 8.43
N PHE A 310 22.46 -2.28 8.84
CA PHE A 310 23.85 -1.90 9.14
C PHE A 310 24.05 -1.96 10.65
N VAL A 311 25.03 -2.74 11.10
CA VAL A 311 25.25 -2.97 12.53
C VAL A 311 26.69 -2.58 12.87
N GLU A 312 26.86 -1.84 13.96
CA GLU A 312 28.20 -1.43 14.36
C GLU A 312 29.05 -2.68 14.65
N GLU A 313 30.33 -2.61 14.27
CA GLU A 313 31.20 -3.80 14.22
C GLU A 313 31.22 -4.57 15.53
N SER A 314 31.18 -3.88 16.66
CA SER A 314 31.43 -4.57 17.93
C SER A 314 30.25 -5.42 18.37
N ILE A 315 29.07 -5.21 17.78
CA ILE A 315 27.90 -6.05 18.06
C ILE A 315 27.42 -6.79 16.82
N TYR A 316 28.15 -6.68 15.71
CA TYR A 316 27.71 -7.26 14.43
C TYR A 316 27.53 -8.77 14.52
N ASP A 317 28.55 -9.49 15.00
CA ASP A 317 28.45 -10.95 15.06
C ASP A 317 27.33 -11.41 15.98
N GLU A 318 27.16 -10.74 17.13
CA GLU A 318 26.07 -11.07 18.02
C GLU A 318 24.73 -10.79 17.36
N PHE A 319 24.65 -9.71 16.58
CA PHE A 319 23.41 -9.38 15.89
C PHE A 319 23.08 -10.44 14.85
N VAL A 320 24.09 -10.85 14.08
CA VAL A 320 23.88 -11.85 13.02
C VAL A 320 23.41 -13.17 13.62
N ARG A 321 24.09 -13.68 14.66
CA ARG A 321 23.66 -14.94 15.25
C ARG A 321 22.20 -14.88 15.68
N ARG A 322 21.85 -13.83 16.42
CA ARG A 322 20.50 -13.77 16.97
C ARG A 322 19.47 -13.64 15.87
N SER A 323 19.82 -12.95 14.79
CA SER A 323 18.92 -12.87 13.63
C SER A 323 18.72 -14.24 13.01
N VAL A 324 19.81 -14.98 12.85
CA VAL A 324 19.72 -16.29 12.20
C VAL A 324 18.85 -17.23 13.03
N GLU A 325 19.01 -17.21 14.36
CA GLU A 325 18.15 -18.04 15.19
C GLU A 325 16.68 -17.69 15.02
N ARG A 326 16.38 -16.40 14.87
CA ARG A 326 14.99 -16.01 14.75
C ARG A 326 14.43 -16.48 13.40
N ALA A 327 15.24 -16.40 12.34
CA ALA A 327 14.75 -16.78 11.02
C ALA A 327 14.56 -18.29 10.90
N LYS A 328 15.30 -19.08 11.67
CA LYS A 328 15.19 -20.54 11.61
C LYS A 328 13.97 -21.07 12.34
N LYS A 329 13.01 -20.23 12.75
CA LYS A 329 11.89 -20.67 13.58
C LYS A 329 10.56 -20.72 12.84
N TYR A 330 10.54 -20.50 11.53
CA TYR A 330 9.29 -20.43 10.80
C TYR A 330 8.77 -21.80 10.40
N ILE A 331 7.45 -21.89 10.24
CA ILE A 331 6.76 -23.07 9.75
C ILE A 331 6.06 -22.68 8.46
N LEU A 332 6.52 -23.25 7.35
CA LEU A 332 5.97 -22.94 6.04
C LEU A 332 4.75 -23.81 5.76
N GLY A 333 3.82 -23.27 4.96
CA GLY A 333 2.67 -24.06 4.54
C GLY A 333 1.48 -23.18 4.21
N ASN A 334 0.32 -23.82 4.21
CA ASN A 334 -0.90 -23.13 3.81
C ASN A 334 -1.24 -22.05 4.83
N PRO A 335 -1.39 -20.79 4.40
CA PRO A 335 -1.58 -19.70 5.38
C PRO A 335 -2.91 -19.77 6.13
N LEU A 336 -3.80 -20.70 5.79
CA LEU A 336 -5.04 -20.89 6.54
C LEU A 336 -4.88 -21.82 7.74
N THR A 337 -3.84 -22.65 7.77
CA THR A 337 -3.70 -23.61 8.87
C THR A 337 -3.14 -22.93 10.11
N PRO A 338 -3.78 -23.09 11.28
CA PRO A 338 -3.24 -22.46 12.50
C PRO A 338 -1.85 -23.00 12.80
N GLY A 339 -1.01 -22.16 13.37
CA GLY A 339 0.36 -22.50 13.67
C GLY A 339 1.35 -22.28 12.53
N VAL A 340 0.87 -22.28 11.28
CA VAL A 340 1.70 -21.90 10.15
C VAL A 340 2.15 -20.45 10.29
N THR A 341 3.43 -20.17 10.05
CA THR A 341 3.97 -18.82 10.24
C THR A 341 4.65 -18.24 9.00
N GLN A 342 4.60 -18.90 7.85
CA GLN A 342 5.08 -18.30 6.60
C GLN A 342 4.34 -18.95 5.43
N GLY A 343 3.65 -18.11 4.65
CA GLY A 343 2.96 -18.54 3.46
C GLY A 343 3.82 -18.39 2.23
N PRO A 344 3.21 -18.47 1.04
CA PRO A 344 3.97 -18.41 -0.21
C PRO A 344 4.15 -16.98 -0.69
N GLN A 345 5.04 -16.83 -1.68
CA GLN A 345 5.06 -15.62 -2.49
C GLN A 345 3.82 -15.59 -3.39
N ILE A 346 3.54 -14.40 -3.96
CA ILE A 346 2.24 -14.20 -4.61
C ILE A 346 2.10 -14.96 -5.93
N ASP A 347 3.17 -15.13 -6.71
CA ASP A 347 3.02 -15.73 -8.04
C ASP A 347 4.40 -16.09 -8.58
N LYS A 348 4.42 -16.56 -9.83
CA LYS A 348 5.64 -17.12 -10.41
C LYS A 348 6.65 -16.03 -10.72
N GLU A 349 6.18 -14.90 -11.30
CA GLU A 349 7.08 -13.81 -11.66
C GLU A 349 7.87 -13.34 -10.44
N GLN A 350 7.18 -13.04 -9.34
CA GLN A 350 7.87 -12.63 -8.11
C GLN A 350 8.77 -13.74 -7.59
N TYR A 351 8.29 -14.99 -7.64
CA TYR A 351 9.06 -16.13 -7.15
C TYR A 351 10.38 -16.28 -7.90
N ASP A 352 10.36 -16.08 -9.22
CA ASP A 352 11.59 -16.22 -10.00
C ASP A 352 12.58 -15.12 -9.66
N LYS A 353 12.11 -13.87 -9.59
CA LYS A 353 12.99 -12.76 -9.26
C LYS A 353 13.65 -12.95 -7.90
N ILE A 354 12.91 -13.49 -6.92
CA ILE A 354 13.48 -13.74 -5.59
C ILE A 354 14.62 -14.75 -5.70
N LEU A 355 14.34 -15.91 -6.31
CA LEU A 355 15.35 -16.94 -6.42
C LEU A 355 16.57 -16.45 -7.20
N ASP A 356 16.34 -15.70 -8.28
CA ASP A 356 17.46 -15.15 -9.04
C ASP A 356 18.34 -14.25 -8.16
N LEU A 357 17.71 -13.33 -7.43
CA LEU A 357 18.49 -12.46 -6.56
C LEU A 357 19.22 -13.25 -5.48
N ILE A 358 18.59 -14.30 -4.95
CA ILE A 358 19.25 -15.14 -3.96
C ILE A 358 20.50 -15.77 -4.56
N GLU A 359 20.42 -16.17 -5.84
CA GLU A 359 21.58 -16.77 -6.49
C GLU A 359 22.70 -15.74 -6.66
N SER A 360 22.34 -14.50 -6.97
CA SER A 360 23.35 -13.46 -7.10
C SER A 360 24.09 -13.26 -5.78
N GLY A 361 23.38 -13.33 -4.67
CA GLY A 361 24.04 -13.25 -3.37
C GLY A 361 25.09 -14.33 -3.18
N LYS A 362 24.76 -15.57 -3.55
CA LYS A 362 25.75 -16.64 -3.46
C LYS A 362 26.95 -16.35 -4.35
N LYS A 363 26.71 -16.00 -5.61
CA LYS A 363 27.79 -15.83 -6.56
C LYS A 363 28.65 -14.61 -6.23
N GLU A 364 28.02 -13.50 -5.84
CA GLU A 364 28.75 -12.27 -5.61
C GLU A 364 29.50 -12.27 -4.28
N GLY A 365 29.36 -13.32 -3.48
CA GLY A 365 30.20 -13.51 -2.31
C GLY A 365 29.55 -13.26 -0.97
N ALA A 366 28.24 -13.05 -0.90
CA ALA A 366 27.59 -12.91 0.40
C ALA A 366 27.68 -14.23 1.16
N LYS A 367 27.73 -14.13 2.49
CA LYS A 367 27.78 -15.31 3.35
C LYS A 367 26.36 -15.79 3.62
N LEU A 368 26.04 -16.99 3.13
CA LEU A 368 24.72 -17.57 3.32
C LEU A 368 24.63 -18.19 4.71
N GLU A 369 23.76 -17.63 5.56
CA GLU A 369 23.61 -18.08 6.93
C GLU A 369 22.50 -19.11 7.12
N CYS A 370 21.43 -19.03 6.34
CA CYS A 370 20.36 -20.03 6.37
C CYS A 370 19.50 -19.83 5.12
N GLY A 371 18.67 -20.84 4.82
CA GLY A 371 17.79 -20.75 3.65
C GLY A 371 18.55 -20.84 2.33
N GLY A 372 18.09 -20.07 1.35
CA GLY A 372 18.73 -19.96 0.06
C GLY A 372 18.12 -20.78 -1.07
N GLY A 373 16.97 -21.42 -0.84
CA GLY A 373 16.33 -22.20 -1.87
C GLY A 373 14.82 -22.23 -1.76
N PRO A 374 14.17 -22.94 -2.68
CA PRO A 374 12.72 -23.10 -2.65
C PRO A 374 12.29 -24.11 -1.58
N TRP A 375 10.97 -24.27 -1.45
CA TRP A 375 10.40 -25.20 -0.47
C TRP A 375 9.10 -25.77 -1.02
N GLY A 376 8.88 -27.07 -0.78
CA GLY A 376 7.58 -27.67 -0.98
C GLY A 376 7.33 -28.25 -2.37
N ASN A 377 6.25 -29.03 -2.46
CA ASN A 377 5.79 -29.63 -3.71
C ASN A 377 4.93 -28.68 -4.54
N LYS A 378 4.22 -27.78 -3.88
CA LYS A 378 3.30 -26.85 -4.51
C LYS A 378 3.41 -25.53 -3.79
N GLY A 379 2.96 -24.47 -4.44
CA GLY A 379 3.01 -23.13 -3.85
C GLY A 379 4.33 -22.42 -4.14
N TYR A 380 4.29 -21.09 -4.12
CA TYR A 380 5.48 -20.32 -4.48
C TYR A 380 6.31 -19.98 -3.24
N PHE A 381 6.78 -21.04 -2.57
CA PHE A 381 7.43 -20.92 -1.28
C PHE A 381 8.94 -20.72 -1.43
N VAL A 382 9.47 -19.81 -0.61
CA VAL A 382 10.91 -19.55 -0.56
C VAL A 382 11.37 -19.73 0.88
N GLN A 383 12.45 -20.48 1.07
CA GLN A 383 12.99 -20.60 2.41
C GLN A 383 13.37 -19.23 2.94
N PRO A 384 13.09 -18.92 4.20
CA PRO A 384 13.58 -17.65 4.75
C PRO A 384 15.11 -17.67 4.74
N THR A 385 15.69 -16.59 4.24
CA THR A 385 17.11 -16.56 3.92
C THR A 385 17.76 -15.37 4.63
N VAL A 386 18.97 -15.59 5.15
CA VAL A 386 19.78 -14.54 5.77
C VAL A 386 21.15 -14.53 5.11
N PHE A 387 21.58 -13.36 4.66
CA PHE A 387 22.92 -13.14 4.14
C PHE A 387 23.66 -12.20 5.08
N SER A 388 24.87 -12.57 5.47
CA SER A 388 25.77 -11.67 6.17
C SER A 388 26.97 -11.34 5.28
N ASN A 389 27.78 -10.37 5.74
CA ASN A 389 28.91 -9.85 4.99
C ASN A 389 28.51 -9.29 3.63
N VAL A 390 27.29 -8.72 3.56
CA VAL A 390 26.83 -8.09 2.33
C VAL A 390 27.57 -6.79 2.13
N THR A 391 27.96 -6.51 0.89
CA THR A 391 28.62 -5.26 0.56
C THR A 391 27.74 -4.45 -0.38
N ASP A 392 28.08 -3.17 -0.51
CA ASP A 392 27.12 -2.17 -1.01
C ASP A 392 26.86 -2.28 -2.51
N GLU A 393 27.73 -2.94 -3.27
CA GLU A 393 27.49 -3.04 -4.70
C GLU A 393 26.95 -4.40 -5.11
N MET A 394 26.70 -5.30 -4.16
CA MET A 394 26.00 -6.53 -4.48
C MET A 394 24.58 -6.25 -4.95
N ARG A 395 24.04 -7.15 -5.77
CA ARG A 395 22.66 -7.01 -6.24
C ARG A 395 21.68 -7.05 -5.08
N ILE A 396 21.90 -7.96 -4.12
CA ILE A 396 20.98 -8.06 -3.00
C ILE A 396 21.03 -6.85 -2.09
N ALA A 397 22.02 -5.98 -2.25
CA ALA A 397 22.05 -4.72 -1.51
C ALA A 397 21.50 -3.55 -2.30
N LYS A 398 21.34 -3.69 -3.61
CA LYS A 398 20.86 -2.59 -4.44
C LYS A 398 19.43 -2.74 -4.94
N GLU A 399 18.99 -3.96 -5.26
CA GLU A 399 17.70 -4.17 -5.86
C GLU A 399 16.68 -4.64 -4.81
N GLU A 400 15.45 -4.16 -4.96
CA GLU A 400 14.38 -4.60 -4.08
C GLU A 400 14.06 -6.06 -4.37
N ILE A 401 14.14 -6.90 -3.34
CA ILE A 401 13.93 -8.34 -3.52
C ILE A 401 12.44 -8.72 -3.40
N PHE A 402 11.71 -8.11 -2.46
CA PHE A 402 10.30 -8.46 -2.22
C PHE A 402 10.12 -9.94 -1.88
N GLY A 403 11.11 -10.49 -1.17
CA GLY A 403 11.05 -11.86 -0.73
C GLY A 403 11.61 -11.99 0.68
N PRO A 404 11.51 -13.17 1.26
CA PRO A 404 12.00 -13.36 2.64
C PRO A 404 13.53 -13.47 2.65
N VAL A 405 14.20 -12.36 2.38
CA VAL A 405 15.66 -12.37 2.19
C VAL A 405 16.26 -11.20 2.95
N GLN A 406 17.02 -11.50 4.01
CA GLN A 406 17.57 -10.48 4.89
C GLN A 406 19.06 -10.25 4.61
N GLN A 407 19.46 -8.98 4.53
CA GLN A 407 20.85 -8.55 4.32
C GLN A 407 21.37 -7.87 5.58
N ILE A 408 22.55 -8.30 6.06
CA ILE A 408 23.14 -7.75 7.27
C ILE A 408 24.56 -7.27 6.94
N MET A 409 24.84 -6.01 7.27
CA MET A 409 26.08 -5.34 6.91
C MET A 409 26.74 -4.78 8.15
N LYS A 410 28.07 -4.64 8.06
CA LYS A 410 28.85 -4.10 9.15
C LYS A 410 29.25 -2.66 8.83
N PHE A 411 29.32 -1.83 9.86
CA PHE A 411 29.88 -0.49 9.71
C PHE A 411 30.69 -0.17 10.95
N LYS A 412 31.65 0.72 10.78
CA LYS A 412 32.41 1.20 11.91
C LYS A 412 32.32 2.71 12.06
N SER A 413 32.06 3.45 10.98
CA SER A 413 32.01 4.91 11.00
C SER A 413 30.59 5.41 10.77
N LEU A 414 30.10 6.25 11.69
CA LEU A 414 28.72 6.74 11.63
C LEU A 414 28.50 7.68 10.45
N ASP A 415 29.45 8.61 10.20
CA ASP A 415 29.35 9.45 9.01
C ASP A 415 29.22 8.62 7.75
N ASP A 416 30.06 7.58 7.63
CA ASP A 416 30.07 6.76 6.43
C ASP A 416 28.77 5.97 6.29
N VAL A 417 28.23 5.45 7.39
CA VAL A 417 27.08 4.57 7.27
C VAL A 417 25.83 5.35 6.89
N ILE A 418 25.72 6.61 7.33
CA ILE A 418 24.62 7.46 6.89
C ILE A 418 24.71 7.73 5.40
N LYS A 419 25.92 8.01 4.89
CA LYS A 419 26.07 8.18 3.45
C LYS A 419 25.71 6.90 2.71
N ARG A 420 26.10 5.75 3.24
CA ARG A 420 25.72 4.48 2.64
C ARG A 420 24.21 4.28 2.69
N ALA A 421 23.60 4.57 3.84
CA ALA A 421 22.16 4.44 3.94
C ALA A 421 21.45 5.30 2.90
N ASN A 422 21.98 6.51 2.66
CA ASN A 422 21.36 7.44 1.74
C ASN A 422 21.77 7.20 0.28
N ASN A 423 22.74 6.33 0.04
CA ASN A 423 23.26 6.11 -1.30
C ASN A 423 22.39 5.10 -2.05
N THR A 424 21.17 5.55 -2.37
CA THR A 424 20.21 4.77 -3.16
C THR A 424 19.25 5.74 -3.83
N PHE A 425 18.63 5.29 -4.91
CA PHE A 425 17.56 6.09 -5.49
C PHE A 425 16.26 5.92 -4.72
N TYR A 426 16.13 4.89 -3.88
CA TYR A 426 14.94 4.70 -3.07
C TYR A 426 14.97 5.63 -1.87
N GLY A 427 13.89 5.61 -1.08
CA GLY A 427 13.82 6.49 0.07
C GLY A 427 12.51 6.38 0.82
N LEU A 428 11.96 5.16 0.92
CA LEU A 428 10.65 5.03 1.54
C LEU A 428 10.70 5.16 3.06
N SER A 429 11.62 4.45 3.71
CA SER A 429 11.63 4.43 5.17
C SER A 429 13.04 4.09 5.66
N ALA A 430 13.21 4.17 6.98
CA ALA A 430 14.47 3.76 7.61
C ALA A 430 14.25 3.56 9.11
N GLY A 431 15.23 2.93 9.74
CA GLY A 431 15.20 2.71 11.17
C GLY A 431 16.52 3.06 11.82
N VAL A 432 16.45 3.61 13.02
CA VAL A 432 17.62 3.95 13.82
C VAL A 432 17.44 3.30 15.19
N PHE A 433 18.44 2.56 15.64
CA PHE A 433 18.37 1.87 16.93
C PHE A 433 19.54 2.34 17.80
N THR A 434 19.20 3.06 18.87
CA THR A 434 20.21 3.65 19.75
C THR A 434 19.53 4.05 21.05
N LYS A 435 20.36 4.23 22.09
CA LYS A 435 19.90 4.79 23.36
C LYS A 435 20.31 6.24 23.53
N ASP A 436 20.99 6.83 22.55
CA ASP A 436 21.50 8.19 22.65
C ASP A 436 20.46 9.16 22.08
N ILE A 437 19.99 10.08 22.92
CA ILE A 437 18.98 11.06 22.52
C ILE A 437 19.46 11.88 21.32
N ASP A 438 20.68 12.39 21.40
CA ASP A 438 21.17 13.24 20.32
C ASP A 438 21.28 12.46 19.01
N LYS A 439 21.82 11.24 19.08
CA LYS A 439 21.95 10.43 17.87
C LYS A 439 20.60 10.13 17.27
N ALA A 440 19.61 9.82 18.11
CA ALA A 440 18.28 9.50 17.58
C ALA A 440 17.71 10.66 16.77
N ILE A 441 17.88 11.89 17.26
CA ILE A 441 17.31 13.04 16.58
C ILE A 441 18.15 13.39 15.36
N THR A 442 19.48 13.44 15.49
CA THR A 442 20.30 13.89 14.36
C THR A 442 20.34 12.84 13.24
N ILE A 443 20.40 11.56 13.58
CA ILE A 443 20.42 10.55 12.51
C ILE A 443 19.07 10.52 11.78
N SER A 444 17.96 10.55 12.52
CA SER A 444 16.66 10.54 11.84
C SER A 444 16.48 11.78 10.97
N SER A 445 17.02 12.92 11.39
CA SER A 445 16.98 14.11 10.55
C SER A 445 17.80 13.95 9.27
N ALA A 446 18.93 13.23 9.33
CA ALA A 446 19.82 13.17 8.17
C ALA A 446 19.46 12.08 7.17
N LEU A 447 18.64 11.10 7.55
CA LEU A 447 18.24 10.05 6.61
C LEU A 447 17.25 10.58 5.59
N GLN A 448 17.48 10.26 4.32
CA GLN A 448 16.58 10.69 3.25
C GLN A 448 15.50 9.63 3.03
N ALA A 449 14.53 9.61 3.96
CA ALA A 449 13.50 8.58 3.97
C ALA A 449 12.19 9.18 4.49
N GLY A 450 11.06 8.67 3.96
CA GLY A 450 9.77 9.28 4.27
C GLY A 450 9.30 9.01 5.70
N THR A 451 9.50 7.78 6.18
CA THR A 451 9.25 7.45 7.59
C THR A 451 10.55 6.94 8.20
N VAL A 452 10.93 7.50 9.36
CA VAL A 452 12.08 6.99 10.11
C VAL A 452 11.59 6.49 11.46
N TRP A 453 11.80 5.21 11.73
CA TRP A 453 11.47 4.64 13.03
C TRP A 453 12.67 4.68 13.96
N VAL A 454 12.44 5.01 15.22
CA VAL A 454 13.48 5.02 16.24
C VAL A 454 13.14 3.91 17.24
N ASN A 455 14.07 2.96 17.39
CA ASN A 455 13.96 1.80 18.29
C ASN A 455 12.71 0.96 18.02
N CYS A 456 12.22 0.98 16.78
CA CYS A 456 11.15 0.12 16.30
C CYS A 456 11.24 0.10 14.78
N TYR A 457 10.30 -0.59 14.13
CA TYR A 457 10.30 -0.64 12.67
C TYR A 457 8.93 -1.08 12.19
N GLY A 458 8.46 -0.48 11.09
CA GLY A 458 7.23 -0.95 10.49
C GLY A 458 5.96 -0.52 11.19
N VAL A 459 6.02 0.54 12.00
CA VAL A 459 4.86 1.03 12.75
C VAL A 459 4.12 2.05 11.89
N VAL A 460 2.93 1.68 11.42
CA VAL A 460 2.19 2.47 10.43
C VAL A 460 0.76 2.57 10.94
N SER A 461 0.18 3.78 10.89
CA SER A 461 -1.17 3.93 11.44
C SER A 461 -1.88 5.07 10.70
N ALA A 462 -3.22 5.07 10.75
CA ALA A 462 -4.02 5.98 9.94
C ALA A 462 -3.75 7.46 10.25
N GLN A 463 -3.25 7.77 11.45
CA GLN A 463 -3.09 9.15 11.88
C GLN A 463 -1.85 9.81 11.31
N CYS A 464 -0.89 9.03 10.73
CA CYS A 464 0.41 9.41 10.19
C CYS A 464 0.36 9.56 8.69
N PRO A 465 0.98 10.60 8.15
CA PRO A 465 1.24 10.60 6.71
C PRO A 465 2.30 9.56 6.37
N PHE A 466 2.20 9.04 5.14
CA PHE A 466 3.03 7.93 4.72
C PHE A 466 3.37 8.07 3.24
N GLY A 467 4.66 8.01 2.92
CA GLY A 467 5.10 8.07 1.54
C GLY A 467 6.61 8.16 1.48
N GLY A 468 7.12 8.16 0.25
CA GLY A 468 8.56 8.11 -0.01
C GLY A 468 9.23 9.43 -0.36
N PHE A 469 10.51 9.52 0.01
CA PHE A 469 11.46 10.44 -0.60
C PHE A 469 11.93 9.84 -1.93
N LYS A 470 12.43 10.70 -2.82
CA LYS A 470 13.19 10.23 -4.01
C LYS A 470 12.31 9.29 -4.86
N MET A 471 12.88 8.22 -5.41
CA MET A 471 12.14 7.35 -6.32
C MET A 471 11.25 6.33 -5.60
N SER A 472 11.09 6.43 -4.26
CA SER A 472 10.06 5.63 -3.57
C SER A 472 8.68 6.25 -3.59
N GLY A 473 8.49 7.43 -4.13
CA GLY A 473 7.13 7.93 -4.15
C GLY A 473 7.05 9.42 -4.41
N ASN A 474 5.84 9.83 -4.79
CA ASN A 474 5.43 11.23 -4.92
C ASN A 474 4.19 11.39 -4.07
N GLY A 475 4.22 12.31 -3.11
CA GLY A 475 3.04 12.60 -2.30
C GLY A 475 2.95 11.75 -1.05
N ARG A 476 1.90 12.00 -0.26
CA ARG A 476 1.70 11.29 0.99
C ARG A 476 0.27 10.77 1.09
N GLU A 477 0.10 9.67 1.81
CA GLU A 477 -1.20 9.07 2.03
CA GLU A 477 -1.22 9.12 2.02
C GLU A 477 -1.51 9.12 3.52
N LEU A 478 -2.77 9.37 3.84
CA LEU A 478 -3.28 9.33 5.20
C LEU A 478 -2.73 10.48 6.03
N GLY A 479 -3.06 10.49 7.32
CA GLY A 479 -2.85 11.68 8.12
C GLY A 479 -3.62 12.88 7.62
N GLU A 480 -3.50 14.00 8.35
CA GLU A 480 -3.99 15.28 7.85
C GLU A 480 -3.36 15.63 6.51
N TYR A 481 -2.06 15.39 6.36
CA TYR A 481 -1.36 15.88 5.19
C TYR A 481 -1.75 15.12 3.93
N GLY A 482 -2.02 13.82 4.06
CA GLY A 482 -2.41 13.04 2.90
C GLY A 482 -3.72 13.51 2.31
N PHE A 483 -4.60 14.09 3.13
CA PHE A 483 -5.88 14.49 2.58
C PHE A 483 -5.75 15.68 1.61
N HIS A 484 -4.66 16.43 1.67
CA HIS A 484 -4.47 17.55 0.74
C HIS A 484 -4.51 17.09 -0.72
N GLU A 485 -3.89 15.95 -1.03
CA GLU A 485 -3.79 15.50 -2.41
C GLU A 485 -5.08 14.89 -2.95
N TYR A 486 -6.17 14.93 -2.18
CA TYR A 486 -7.47 14.59 -2.74
C TYR A 486 -8.37 15.80 -2.84
N THR A 487 -7.80 17.01 -2.70
CA THR A 487 -8.53 18.22 -2.95
C THR A 487 -7.85 19.02 -4.06
N GLU A 488 -8.64 19.91 -4.66
CA GLU A 488 -8.17 20.89 -5.62
C GLU A 488 -8.61 22.26 -5.09
N VAL A 489 -7.64 23.15 -4.91
CA VAL A 489 -7.89 24.42 -4.23
C VAL A 489 -8.32 25.48 -5.24
N LYS A 490 -9.48 26.08 -5.01
CA LYS A 490 -10.01 27.17 -5.83
C LYS A 490 -10.00 28.44 -5.01
N THR A 491 -9.46 29.52 -5.58
CA THR A 491 -9.49 30.82 -4.92
C THR A 491 -10.61 31.65 -5.51
N VAL A 492 -11.44 32.23 -4.64
CA VAL A 492 -12.56 33.09 -5.06
C VAL A 492 -12.31 34.49 -4.51
N THR A 493 -12.22 35.48 -5.39
CA THR A 493 -11.88 36.84 -4.98
C THR A 493 -12.97 37.80 -5.48
N VAL A 494 -13.61 38.47 -4.52
CA VAL A 494 -14.82 39.26 -4.74
C VAL A 494 -14.46 40.73 -4.52
N LYS A 495 -14.77 41.57 -5.50
CA LYS A 495 -14.61 43.02 -5.32
C LYS A 495 -15.60 43.55 -4.28
N ILE A 496 -15.12 44.36 -3.34
CA ILE A 496 -15.98 45.01 -2.37
C ILE A 496 -15.60 46.48 -2.25
N SER A 497 -16.55 47.28 -1.74
CA SER A 497 -16.34 48.72 -1.66
C SER A 497 -15.21 49.07 -0.70
N GLN A 498 -15.14 48.40 0.45
CA GLN A 498 -14.10 48.66 1.44
CA GLN A 498 -14.07 48.63 1.40
C GLN A 498 -14.02 47.47 2.39
N LYS A 499 -12.82 46.94 2.60
CA LYS A 499 -12.64 45.84 3.54
C LYS A 499 -12.29 46.38 4.92
N ASN A 500 -12.47 45.53 5.91
CA ASN A 500 -12.01 45.82 7.25
C ASN A 500 -11.41 44.54 7.80
N SER A 501 -10.38 44.69 8.61
CA SER A 501 -9.70 43.53 9.18
C SER A 501 -10.65 42.72 10.07
#